data_1E2G
#
_entry.id   1E2G
#
_cell.length_a   101.100
_cell.length_b   101.100
_cell.length_c   49.200
_cell.angle_alpha   90.00
_cell.angle_beta   90.00
_cell.angle_gamma   90.00
#
_symmetry.space_group_name_H-M   'P 43 21 2'
#
loop_
_entity.id
_entity.type
_entity.pdbx_description
1 polymer 'THYMIDYLATE KINASE'
2 non-polymer "THYMIDINE-5'-PHOSPHATE"
3 non-polymer "ADENOSINE-5'-DIPHOSPHATE"
4 non-polymer "THYMIDINE-5'-DIPHOSPHATE"
5 non-polymer 'MAGNESIUM ION'
6 water water
#
_entity_poly.entity_id   1
_entity_poly.type   'polypeptide(L)'
_entity_poly.pdbx_seq_one_letter_code
;GSHMAARRGALIVLEGVDRAGKSTQSRKLVEALCAAGHRAELLRFPERSTEIGKLLSSYLQKKSDVEDHSVHLLFSANRW
EQVPLIKEKLSQGVTLVVDRYAFSGVAFTGAKENFSLDWCKQPDVGLPKPDLVLFLQLQLADAAKRGAFGHERYENGAFQ
ERALRCFHQLMKDTTLNWKMVDASKSIEAVHEDIRVLSEDAIATATEKPLGELWK
;
_entity_poly.pdbx_strand_id   A
#
# COMPACT_ATOMS: atom_id res chain seq x y z
N ARG A 7 -1.22 -3.53 24.24
CA ARG A 7 -1.43 -4.25 22.96
C ARG A 7 -1.01 -3.33 21.79
N ARG A 8 -0.20 -3.90 20.89
CA ARG A 8 0.26 -3.06 19.78
C ARG A 8 -0.88 -2.80 18.78
N GLY A 9 -0.73 -1.73 17.99
CA GLY A 9 -1.71 -1.46 16.95
C GLY A 9 -1.44 -2.41 15.75
N ALA A 10 -2.36 -2.47 14.82
CA ALA A 10 -2.22 -3.26 13.61
C ALA A 10 -1.70 -2.39 12.44
N LEU A 11 -0.98 -3.07 11.59
CA LEU A 11 -0.44 -2.40 10.39
C LEU A 11 -1.29 -2.89 9.24
N ILE A 12 -2.18 -2.02 8.72
CA ILE A 12 -3.09 -2.39 7.65
C ILE A 12 -2.75 -1.59 6.38
N VAL A 13 -2.55 -2.34 5.31
CA VAL A 13 -2.19 -1.74 4.02
C VAL A 13 -3.29 -1.91 3.00
N LEU A 14 -3.55 -0.84 2.24
CA LEU A 14 -4.48 -0.90 1.12
C LEU A 14 -3.66 -0.80 -0.17
N GLU A 15 -3.93 -1.76 -1.05
CA GLU A 15 -3.26 -1.80 -2.36
C GLU A 15 -4.29 -1.95 -3.46
N GLY A 16 -3.83 -1.72 -4.70
CA GLY A 16 -4.70 -1.75 -5.85
C GLY A 16 -4.08 -0.82 -6.93
N VAL A 17 -4.58 -0.99 -8.13
CA VAL A 17 -4.07 -0.14 -9.23
C VAL A 17 -4.52 1.28 -9.01
N ASP A 18 -4.10 2.22 -9.88
CA ASP A 18 -4.58 3.60 -9.71
C ASP A 18 -6.11 3.58 -9.92
N ARG A 19 -6.81 4.42 -9.18
CA ARG A 19 -8.24 4.67 -9.17
C ARG A 19 -9.09 3.56 -8.56
N ALA A 20 -8.41 2.66 -7.85
CA ALA A 20 -9.14 1.52 -7.25
C ALA A 20 -9.96 1.96 -6.04
N GLY A 21 -9.66 3.13 -5.52
CA GLY A 21 -10.36 3.63 -4.33
C GLY A 21 -9.48 3.56 -3.08
N LYS A 22 -8.18 3.34 -3.16
CA LYS A 22 -7.29 3.25 -2.02
C LYS A 22 -7.33 4.47 -1.08
N SER A 23 -7.21 5.66 -1.59
CA SER A 23 -7.14 6.85 -0.77
C SER A 23 -8.54 7.11 -0.16
N THR A 24 -9.58 6.91 -0.96
CA THR A 24 -10.93 7.15 -0.39
C THR A 24 -11.19 6.17 0.76
N GLN A 25 -10.86 4.89 0.51
CA GLN A 25 -11.08 3.89 1.57
C GLN A 25 -10.14 4.05 2.75
N SER A 26 -8.89 4.47 2.52
CA SER A 26 -7.99 4.63 3.67
C SER A 26 -8.50 5.76 4.56
N ARG A 27 -8.93 6.86 3.92
CA ARG A 27 -9.47 7.97 4.73
C ARG A 27 -10.72 7.57 5.52
N LYS A 28 -11.62 6.88 4.87
CA LYS A 28 -12.86 6.45 5.53
C LYS A 28 -12.56 5.43 6.62
N LEU A 29 -11.59 4.55 6.38
CA LEU A 29 -11.28 3.55 7.42
C LEU A 29 -10.77 4.21 8.68
N VAL A 30 -9.80 5.14 8.55
CA VAL A 30 -9.29 5.79 9.75
C VAL A 30 -10.42 6.53 10.48
N GLU A 31 -11.29 7.18 9.71
CA GLU A 31 -12.40 7.93 10.33
C GLU A 31 -13.26 6.97 11.14
N ALA A 32 -13.65 5.86 10.51
CA ALA A 32 -14.57 4.94 11.22
C ALA A 32 -13.93 4.29 12.42
N LEU A 33 -12.67 3.90 12.28
CA LEU A 33 -12.02 3.24 13.44
C LEU A 33 -11.92 4.21 14.61
N CYS A 34 -11.53 5.47 14.34
CA CYS A 34 -11.46 6.47 15.39
C CYS A 34 -12.82 6.73 16.04
N ALA A 35 -13.85 6.75 15.19
CA ALA A 35 -15.20 6.98 15.72
C ALA A 35 -15.66 5.81 16.59
N ALA A 36 -15.10 4.62 16.37
CA ALA A 36 -15.40 3.45 17.18
C ALA A 36 -14.43 3.25 18.32
N GLY A 37 -13.70 4.29 18.73
CA GLY A 37 -12.80 4.27 19.87
C GLY A 37 -11.38 3.81 19.68
N HIS A 38 -11.05 3.39 18.43
CA HIS A 38 -9.67 2.98 18.23
C HIS A 38 -8.76 4.21 18.05
N ARG A 39 -7.49 4.00 18.41
CA ARG A 39 -6.49 5.01 18.04
C ARG A 39 -5.95 4.52 16.67
N ALA A 40 -6.20 5.24 15.63
CA ALA A 40 -5.78 4.89 14.28
C ALA A 40 -5.33 6.13 13.56
N GLU A 41 -4.30 6.01 12.71
CA GLU A 41 -3.82 7.14 11.94
C GLU A 41 -3.51 6.69 10.50
N LEU A 42 -3.63 7.65 9.60
CA LEU A 42 -3.37 7.38 8.18
C LEU A 42 -1.93 7.65 7.78
N LEU A 43 -1.35 6.78 6.97
CA LEU A 43 -0.02 7.04 6.38
C LEU A 43 -0.14 6.79 4.89
N ARG A 44 0.71 7.40 4.04
CA ARG A 44 0.62 7.05 2.63
C ARG A 44 2.05 6.95 2.01
N PHE A 45 2.13 6.19 0.95
CA PHE A 45 3.40 6.15 0.19
C PHE A 45 3.08 6.38 -1.26
N PRO A 46 3.92 7.17 -1.99
CA PRO A 46 5.03 7.83 -1.34
C PRO A 46 4.61 8.95 -0.40
N GLU A 47 5.41 9.24 0.58
CA GLU A 47 5.19 10.32 1.53
C GLU A 47 6.02 11.50 0.98
N ARG A 48 5.33 12.36 0.28
CA ARG A 48 5.99 13.45 -0.44
C ARG A 48 6.50 14.59 0.40
N SER A 49 6.27 14.60 1.71
CA SER A 49 6.73 15.75 2.49
C SER A 49 8.25 15.72 2.66
N THR A 50 8.91 14.57 2.47
CA THR A 50 10.37 14.53 2.64
C THR A 50 11.15 14.88 1.40
N GLU A 51 12.46 15.08 1.59
CA GLU A 51 13.34 15.43 0.47
C GLU A 51 13.25 14.37 -0.61
N ILE A 52 13.25 13.11 -0.22
CA ILE A 52 13.12 11.99 -1.14
C ILE A 52 11.76 12.03 -1.80
N GLY A 53 10.74 12.22 -0.95
CA GLY A 53 9.37 12.31 -1.48
C GLY A 53 9.25 13.43 -2.48
N LYS A 54 9.99 14.52 -2.31
CA LYS A 54 9.87 15.62 -3.28
C LYS A 54 10.38 15.27 -4.67
N LEU A 55 11.44 14.46 -4.72
CA LEU A 55 12.05 14.01 -5.96
C LEU A 55 11.11 13.00 -6.63
N LEU A 56 10.50 12.16 -5.79
CA LEU A 56 9.48 11.24 -6.31
C LEU A 56 8.30 12.00 -6.91
N SER A 57 7.86 13.08 -6.26
CA SER A 57 6.71 13.85 -6.78
C SER A 57 7.09 14.52 -8.10
N SER A 58 8.27 15.10 -8.15
CA SER A 58 8.68 15.74 -9.42
C SER A 58 8.67 14.67 -10.51
N TYR A 59 9.20 13.48 -10.22
CA TYR A 59 9.21 12.37 -11.16
C TYR A 59 7.84 11.95 -11.67
N LEU A 60 6.90 11.72 -10.75
CA LEU A 60 5.55 11.30 -11.12
C LEU A 60 4.81 12.37 -11.92
N GLN A 61 5.11 13.63 -11.70
CA GLN A 61 4.52 14.74 -12.43
C GLN A 61 5.21 15.02 -13.76
N LYS A 62 6.24 14.24 -14.07
CA LYS A 62 7.00 14.41 -15.30
C LYS A 62 7.78 15.72 -15.31
N LYS A 63 8.02 16.28 -14.12
CA LYS A 63 8.81 17.50 -13.99
C LYS A 63 10.28 17.12 -14.05
N SER A 64 10.54 15.84 -13.79
CA SER A 64 11.91 15.35 -13.87
C SER A 64 11.91 13.90 -14.35
N ASP A 65 13.03 13.54 -14.97
CA ASP A 65 13.24 12.18 -15.44
C ASP A 65 14.26 11.56 -14.51
N VAL A 66 14.08 10.30 -14.22
CA VAL A 66 14.92 9.57 -13.29
C VAL A 66 15.11 8.17 -13.85
N GLU A 67 16.34 7.68 -13.73
CA GLU A 67 16.69 6.35 -14.19
C GLU A 67 15.83 5.36 -13.38
N ASP A 68 15.30 4.34 -14.03
CA ASP A 68 14.31 3.46 -13.40
C ASP A 68 14.77 2.77 -12.14
N HIS A 69 16.02 2.33 -12.08
CA HIS A 69 16.51 1.67 -10.86
C HIS A 69 16.65 2.69 -9.75
N SER A 70 17.15 3.92 -10.05
CA SER A 70 17.24 4.93 -9.01
C SER A 70 15.85 5.23 -8.43
N VAL A 71 14.90 5.41 -9.33
CA VAL A 71 13.54 5.76 -8.85
C VAL A 71 13.00 4.63 -7.96
N HIS A 72 13.23 3.40 -8.37
CA HIS A 72 12.77 2.27 -7.52
C HIS A 72 13.35 2.31 -6.13
N LEU A 73 14.67 2.59 -6.05
CA LEU A 73 15.36 2.65 -4.74
C LEU A 73 14.92 3.83 -3.93
N LEU A 74 14.61 4.96 -4.57
CA LEU A 74 14.12 6.10 -3.80
C LEU A 74 12.72 5.80 -3.21
N PHE A 75 11.87 5.15 -3.99
CA PHE A 75 10.55 4.79 -3.41
C PHE A 75 10.72 3.91 -2.16
N SER A 76 11.65 2.95 -2.21
CA SER A 76 11.87 2.12 -1.03
C SER A 76 12.48 2.92 0.09
N ALA A 77 13.47 3.80 -0.23
CA ALA A 77 14.08 4.55 0.84
C ALA A 77 13.05 5.42 1.55
N ASN A 78 12.07 5.84 0.75
CA ASN A 78 10.98 6.67 1.31
C ASN A 78 10.13 5.88 2.32
N ARG A 79 10.05 4.57 2.14
CA ARG A 79 9.38 3.77 3.19
C ARG A 79 10.28 3.61 4.38
N TRP A 80 11.59 3.28 4.21
CA TRP A 80 12.46 3.07 5.33
C TRP A 80 12.62 4.30 6.25
N GLU A 81 12.56 5.50 5.65
CA GLU A 81 12.69 6.72 6.43
C GLU A 81 11.53 6.83 7.40
N GLN A 82 10.39 6.19 7.09
CA GLN A 82 9.24 6.21 8.02
C GLN A 82 9.21 5.01 8.95
N VAL A 83 10.16 4.07 8.90
CA VAL A 83 10.11 2.91 9.81
C VAL A 83 10.18 3.18 11.28
N PRO A 84 11.06 4.05 11.77
CA PRO A 84 11.12 4.38 13.19
C PRO A 84 9.74 4.90 13.65
N LEU A 85 9.13 5.75 12.89
CA LEU A 85 7.79 6.27 13.24
C LEU A 85 6.75 5.15 13.24
N ILE A 86 6.73 4.32 12.19
CA ILE A 86 5.78 3.21 12.15
C ILE A 86 5.91 2.31 13.36
N LYS A 87 7.16 1.94 13.72
CA LYS A 87 7.35 1.05 14.86
C LYS A 87 6.91 1.71 16.16
N GLU A 88 7.24 3.00 16.31
CA GLU A 88 6.86 3.69 17.54
C GLU A 88 5.33 3.75 17.66
N LYS A 89 4.67 4.19 16.60
CA LYS A 89 3.19 4.25 16.68
C LYS A 89 2.54 2.92 17.00
N LEU A 90 2.93 1.85 16.29
CA LEU A 90 2.38 0.54 16.58
C LEU A 90 2.66 0.13 18.02
N SER A 91 3.86 0.43 18.53
CA SER A 91 4.15 -0.05 19.90
C SER A 91 3.28 0.74 20.88
N GLN A 92 2.87 1.92 20.45
CA GLN A 92 2.03 2.75 21.33
C GLN A 92 0.56 2.35 21.31
N GLY A 93 0.21 1.38 20.48
CA GLY A 93 -1.21 0.94 20.44
C GLY A 93 -1.93 1.58 19.26
N VAL A 94 -1.19 2.33 18.42
CA VAL A 94 -1.87 3.04 17.34
C VAL A 94 -1.95 2.16 16.10
N THR A 95 -3.14 1.93 15.58
CA THR A 95 -3.26 1.15 14.35
C THR A 95 -2.98 2.08 13.18
N LEU A 96 -2.16 1.64 12.20
CA LEU A 96 -1.79 2.48 11.07
C LEU A 96 -2.43 1.92 9.79
N VAL A 97 -3.14 2.78 9.11
CA VAL A 97 -3.81 2.48 7.84
C VAL A 97 -2.92 3.12 6.78
N VAL A 98 -2.36 2.32 5.91
CA VAL A 98 -1.33 2.76 4.94
C VAL A 98 -1.80 2.63 3.52
N ASP A 99 -1.88 3.79 2.84
CA ASP A 99 -2.31 3.95 1.47
C ASP A 99 -1.15 3.77 0.51
N ARG A 100 -1.03 2.56 0.02
CA ARG A 100 0.05 2.03 -0.77
C ARG A 100 1.28 1.70 0.09
N TYR A 101 1.97 0.60 -0.30
CA TYR A 101 3.18 0.25 0.44
C TYR A 101 4.18 -0.44 -0.49
N ALA A 102 4.96 -1.40 0.02
CA ALA A 102 6.02 -2.01 -0.82
C ALA A 102 5.46 -2.73 -2.03
N PHE A 103 4.21 -3.21 -1.96
CA PHE A 103 3.59 -3.96 -3.04
C PHE A 103 3.48 -3.08 -4.28
N SER A 104 3.00 -1.85 -4.12
CA SER A 104 2.91 -0.91 -5.25
C SER A 104 4.34 -0.73 -5.81
N GLY A 105 5.29 -0.65 -4.88
CA GLY A 105 6.70 -0.41 -5.32
C GLY A 105 7.14 -1.51 -6.27
N VAL A 106 6.91 -2.75 -5.86
CA VAL A 106 7.34 -3.86 -6.72
C VAL A 106 6.50 -3.92 -7.97
N ALA A 107 5.16 -3.78 -7.87
CA ALA A 107 4.31 -3.88 -9.03
C ALA A 107 4.54 -2.86 -10.13
N PHE A 108 4.76 -1.61 -9.76
CA PHE A 108 4.98 -0.56 -10.75
C PHE A 108 6.37 -0.69 -11.38
N THR A 109 7.41 -0.95 -10.59
CA THR A 109 8.72 -1.11 -11.25
C THR A 109 8.77 -2.43 -12.01
N GLY A 110 8.13 -3.48 -11.44
CA GLY A 110 8.13 -4.77 -12.10
C GLY A 110 7.35 -4.76 -13.41
N ALA A 111 6.55 -3.75 -13.64
CA ALA A 111 5.79 -3.61 -14.87
C ALA A 111 6.68 -3.06 -15.99
N LYS A 112 7.86 -2.59 -15.64
CA LYS A 112 8.82 -2.08 -16.64
C LYS A 112 9.63 -3.21 -17.23
N GLU A 113 10.24 -2.96 -18.40
CA GLU A 113 11.05 -3.98 -19.05
C GLU A 113 12.33 -4.31 -18.30
N ASN A 114 12.66 -5.59 -18.27
CA ASN A 114 13.92 -6.01 -17.66
C ASN A 114 14.03 -5.73 -16.17
N PHE A 115 12.91 -5.83 -15.44
CA PHE A 115 12.95 -5.72 -13.99
C PHE A 115 12.37 -7.01 -13.39
N SER A 116 13.20 -7.82 -12.76
CA SER A 116 12.66 -9.08 -12.20
C SER A 116 11.94 -8.78 -10.88
N LEU A 117 10.96 -9.62 -10.56
CA LEU A 117 10.27 -9.40 -9.29
C LEU A 117 11.28 -9.50 -8.14
N ASP A 118 12.18 -10.47 -8.21
CA ASP A 118 13.16 -10.64 -7.13
C ASP A 118 13.94 -9.36 -6.91
N TRP A 119 14.52 -8.77 -7.97
CA TRP A 119 15.31 -7.56 -7.77
C TRP A 119 14.39 -6.48 -7.16
N CYS A 120 13.16 -6.37 -7.67
CA CYS A 120 12.28 -5.31 -7.17
C CYS A 120 11.94 -5.49 -5.69
N LYS A 121 11.83 -6.75 -5.25
CA LYS A 121 11.51 -6.91 -3.81
C LYS A 121 12.61 -6.57 -2.84
N GLN A 122 13.90 -6.79 -3.18
CA GLN A 122 14.97 -6.75 -2.20
C GLN A 122 15.08 -5.53 -1.31
N PRO A 123 15.00 -4.32 -1.83
CA PRO A 123 15.17 -3.12 -1.04
C PRO A 123 14.15 -3.08 0.11
N ASP A 124 12.94 -3.62 -0.15
CA ASP A 124 11.90 -3.56 0.89
C ASP A 124 11.89 -4.77 1.81
N VAL A 125 12.84 -5.68 1.57
CA VAL A 125 12.93 -6.85 2.50
C VAL A 125 13.29 -6.38 3.87
N GLY A 126 12.50 -6.81 4.89
CA GLY A 126 12.73 -6.41 6.26
C GLY A 126 11.89 -5.25 6.78
N LEU A 127 11.10 -4.62 5.91
CA LEU A 127 10.24 -3.52 6.42
C LEU A 127 9.23 -4.15 7.39
N PRO A 128 8.57 -3.28 8.18
CA PRO A 128 7.50 -3.79 9.04
C PRO A 128 6.53 -4.57 8.18
N LYS A 129 6.13 -5.76 8.61
CA LYS A 129 5.23 -6.61 7.85
C LYS A 129 3.76 -6.26 8.14
N PRO A 130 2.98 -5.95 7.15
CA PRO A 130 1.56 -5.65 7.41
C PRO A 130 0.88 -6.88 8.03
N ASP A 131 -0.05 -6.58 8.92
CA ASP A 131 -0.93 -7.61 9.51
C ASP A 131 -2.08 -7.96 8.60
N LEU A 132 -2.41 -7.10 7.65
CA LEU A 132 -3.51 -7.23 6.73
C LEU A 132 -3.21 -6.41 5.47
N VAL A 133 -3.32 -7.08 4.34
CA VAL A 133 -3.10 -6.35 3.07
C VAL A 133 -4.40 -6.44 2.25
N LEU A 134 -5.10 -5.32 2.16
CA LEU A 134 -6.38 -5.35 1.42
C LEU A 134 -6.10 -5.01 -0.05
N PHE A 135 -6.58 -5.85 -0.93
CA PHE A 135 -6.37 -5.59 -2.37
C PHE A 135 -7.69 -5.19 -3.02
N LEU A 136 -7.76 -3.92 -3.38
CA LEU A 136 -9.02 -3.40 -3.95
C LEU A 136 -9.14 -3.77 -5.41
N GLN A 137 -9.89 -4.86 -5.65
CA GLN A 137 -10.00 -5.42 -7.01
C GLN A 137 -11.12 -4.80 -7.79
N LEU A 138 -10.77 -4.42 -9.03
CA LEU A 138 -11.77 -3.88 -9.94
C LEU A 138 -11.20 -4.00 -11.36
N GLN A 139 -12.15 -4.08 -12.28
CA GLN A 139 -11.72 -4.21 -13.70
C GLN A 139 -10.98 -2.95 -14.10
N LEU A 140 -9.88 -3.13 -14.89
CA LEU A 140 -9.15 -1.94 -15.32
C LEU A 140 -10.05 -0.96 -16.04
N ALA A 141 -11.02 -1.45 -16.80
CA ALA A 141 -11.87 -0.51 -17.55
C ALA A 141 -12.69 0.35 -16.59
N ASP A 142 -13.05 -0.23 -15.46
CA ASP A 142 -13.84 0.55 -14.47
C ASP A 142 -12.96 1.61 -13.86
N ALA A 143 -11.80 1.18 -13.36
CA ALA A 143 -10.85 2.13 -12.78
C ALA A 143 -10.64 3.31 -13.72
N ALA A 144 -10.62 3.05 -15.04
CA ALA A 144 -10.39 4.12 -16.00
C ALA A 144 -11.56 5.09 -16.14
N LYS A 145 -12.76 4.78 -15.65
CA LYS A 145 -13.89 5.70 -15.76
C LYS A 145 -13.91 6.74 -14.64
N ARG A 146 -13.14 6.49 -13.59
CA ARG A 146 -13.05 7.36 -12.43
C ARG A 146 -11.99 8.44 -12.54
N GLY A 147 -12.06 9.50 -11.72
CA GLY A 147 -11.04 10.55 -11.71
C GLY A 147 -10.90 11.25 -13.07
N GLU A 152 -0.88 11.22 -15.67
CA GLU A 152 0.45 11.28 -15.09
C GLU A 152 1.29 10.08 -15.51
N ARG A 153 2.54 10.03 -15.04
CA ARG A 153 3.37 8.87 -15.39
C ARG A 153 2.65 7.60 -14.93
N TYR A 154 2.66 6.60 -15.79
CA TYR A 154 2.06 5.29 -15.53
C TYR A 154 0.55 5.31 -15.77
N GLU A 155 -0.01 6.44 -16.17
CA GLU A 155 -1.45 6.58 -16.39
C GLU A 155 -1.90 6.22 -17.80
N ASN A 156 -1.66 4.98 -18.19
CA ASN A 156 -2.03 4.40 -19.47
C ASN A 156 -2.40 2.93 -19.24
N GLY A 157 -3.38 2.41 -19.98
CA GLY A 157 -3.83 1.05 -19.81
C GLY A 157 -2.84 -0.07 -19.90
N ALA A 158 -1.86 -0.02 -20.83
CA ALA A 158 -0.94 -1.14 -20.97
C ALA A 158 -0.04 -1.30 -19.74
N PHE A 159 0.34 -0.14 -19.23
CA PHE A 159 1.22 -0.16 -18.03
C PHE A 159 0.41 -0.60 -16.82
N GLN A 160 -0.83 -0.13 -16.66
CA GLN A 160 -1.60 -0.60 -15.50
C GLN A 160 -1.85 -2.09 -15.54
N GLU A 161 -2.07 -2.63 -16.75
CA GLU A 161 -2.28 -4.06 -16.93
C GLU A 161 -1.05 -4.85 -16.51
N ARG A 162 0.18 -4.37 -16.81
CA ARG A 162 1.36 -5.12 -16.38
C ARG A 162 1.56 -5.04 -14.86
N ALA A 163 1.17 -3.87 -14.32
CA ALA A 163 1.28 -3.69 -12.86
C ALA A 163 0.35 -4.66 -12.16
N LEU A 164 -0.87 -4.72 -12.69
CA LEU A 164 -1.87 -5.64 -12.11
C LEU A 164 -1.36 -7.06 -12.11
N ARG A 165 -0.73 -7.51 -13.19
CA ARG A 165 -0.20 -8.86 -13.23
C ARG A 165 0.84 -9.07 -12.15
N CYS A 166 1.70 -8.06 -11.92
CA CYS A 166 2.70 -8.16 -10.88
C CYS A 166 2.01 -8.29 -9.53
N PHE A 167 0.94 -7.50 -9.31
CA PHE A 167 0.24 -7.62 -8.05
C PHE A 167 -0.24 -9.08 -7.84
N HIS A 168 -0.73 -9.69 -8.90
CA HIS A 168 -1.21 -11.08 -8.75
C HIS A 168 -0.05 -12.00 -8.44
N GLN A 169 1.16 -11.71 -8.92
CA GLN A 169 2.28 -12.60 -8.50
C GLN A 169 2.56 -12.45 -7.00
N LEU A 170 2.45 -11.21 -6.49
CA LEU A 170 2.75 -10.97 -5.08
C LEU A 170 1.73 -11.60 -4.16
N MET A 171 0.54 -11.82 -4.68
CA MET A 171 -0.54 -12.39 -3.89
C MET A 171 -0.37 -13.88 -3.73
N LYS A 172 0.56 -14.47 -4.48
CA LYS A 172 0.82 -15.90 -4.25
C LYS A 172 1.53 -16.06 -2.92
N ASP A 173 2.10 -14.96 -2.40
CA ASP A 173 2.88 -15.00 -1.17
C ASP A 173 2.03 -15.30 0.07
N THR A 174 2.06 -16.57 0.45
CA THR A 174 1.30 -17.07 1.58
C THR A 174 1.78 -16.53 2.92
N THR A 175 2.97 -15.90 2.98
CA THR A 175 3.39 -15.41 4.29
C THR A 175 2.55 -14.16 4.64
N LEU A 176 1.73 -13.70 3.71
CA LEU A 176 1.01 -12.44 4.02
C LEU A 176 -0.49 -12.61 4.05
N ASN A 177 -1.13 -11.85 4.92
CA ASN A 177 -2.58 -11.91 5.10
C ASN A 177 -3.30 -11.03 4.10
N TRP A 178 -3.35 -11.48 2.85
CA TRP A 178 -4.03 -10.82 1.78
C TRP A 178 -5.53 -11.04 1.88
N LYS A 179 -6.30 -9.99 1.68
CA LYS A 179 -7.75 -10.07 1.64
C LYS A 179 -8.21 -9.33 0.37
N MET A 180 -8.98 -10.02 -0.48
CA MET A 180 -9.49 -9.39 -1.68
C MET A 180 -10.78 -8.61 -1.37
N VAL A 181 -10.86 -7.41 -1.86
CA VAL A 181 -12.05 -6.58 -1.70
C VAL A 181 -12.65 -6.25 -3.07
N ASP A 182 -13.99 -6.35 -3.18
CA ASP A 182 -14.65 -6.04 -4.46
C ASP A 182 -14.88 -4.54 -4.51
N ALA A 183 -13.89 -3.88 -5.10
CA ALA A 183 -13.88 -2.39 -5.12
C ALA A 183 -14.80 -1.79 -6.16
N SER A 184 -15.54 -2.66 -6.85
CA SER A 184 -16.47 -2.16 -7.88
C SER A 184 -17.77 -1.70 -7.26
N LYS A 185 -18.03 -1.99 -6.00
CA LYS A 185 -19.28 -1.58 -5.34
C LYS A 185 -19.24 -0.13 -4.92
N SER A 186 -20.31 0.34 -4.27
CA SER A 186 -20.38 1.75 -3.91
C SER A 186 -19.32 2.11 -2.86
N ILE A 187 -19.02 3.40 -2.72
CA ILE A 187 -18.03 3.76 -1.70
C ILE A 187 -18.40 3.24 -0.33
N GLU A 188 -19.70 3.37 0.03
CA GLU A 188 -20.12 2.91 1.35
C GLU A 188 -20.07 1.39 1.49
N ALA A 189 -20.43 0.67 0.42
CA ALA A 189 -20.40 -0.79 0.53
C ALA A 189 -18.97 -1.34 0.64
N VAL A 190 -18.08 -0.70 -0.16
CA VAL A 190 -16.68 -1.17 -0.08
C VAL A 190 -16.13 -0.86 1.30
N HIS A 191 -16.49 0.32 1.84
CA HIS A 191 -16.02 0.72 3.16
C HIS A 191 -16.45 -0.28 4.22
N GLU A 192 -17.71 -0.68 4.19
CA GLU A 192 -18.15 -1.61 5.24
C GLU A 192 -17.39 -2.90 5.13
N ASP A 193 -17.15 -3.43 3.94
CA ASP A 193 -16.36 -4.67 3.84
C ASP A 193 -14.97 -4.52 4.46
N ILE A 194 -14.34 -3.36 4.11
CA ILE A 194 -13.00 -3.09 4.59
C ILE A 194 -12.97 -2.90 6.10
N ARG A 195 -13.97 -2.21 6.64
CA ARG A 195 -14.02 -1.91 8.05
C ARG A 195 -14.14 -3.20 8.88
N VAL A 196 -15.01 -4.09 8.38
CA VAL A 196 -15.18 -5.37 9.14
C VAL A 196 -13.91 -6.21 9.13
N LEU A 197 -13.22 -6.25 7.98
CA LEU A 197 -11.95 -7.01 7.94
C LEU A 197 -10.90 -6.39 8.85
N SER A 198 -10.86 -5.05 8.85
CA SER A 198 -9.91 -4.31 9.68
C SER A 198 -10.18 -4.50 11.18
N GLU A 199 -11.42 -4.45 11.64
CA GLU A 199 -11.77 -4.72 13.03
C GLU A 199 -11.26 -6.10 13.44
N ASP A 200 -11.46 -7.08 12.56
CA ASP A 200 -10.97 -8.45 12.88
C ASP A 200 -9.47 -8.49 13.04
N ALA A 201 -8.75 -7.84 12.11
CA ALA A 201 -7.28 -7.83 12.21
C ALA A 201 -6.78 -7.12 13.45
N ILE A 202 -7.41 -6.01 13.82
CA ILE A 202 -7.00 -5.26 15.01
C ILE A 202 -7.20 -6.15 16.25
N ALA A 203 -8.29 -6.89 16.26
CA ALA A 203 -8.66 -7.73 17.40
C ALA A 203 -7.88 -9.04 17.49
N THR A 204 -7.50 -9.59 16.35
CA THR A 204 -6.89 -10.92 16.41
C THR A 204 -5.48 -11.04 15.88
N ALA A 205 -5.12 -10.17 14.95
CA ALA A 205 -3.81 -10.24 14.28
C ALA A 205 -2.70 -9.57 15.07
N THR A 206 -3.05 -8.80 16.10
CA THR A 206 -2.05 -8.12 16.93
C THR A 206 -1.49 -8.90 18.09
N GLU A 207 -1.95 -10.11 18.36
CA GLU A 207 -1.47 -10.92 19.47
C GLU A 207 0.00 -11.31 19.29
N LYS A 208 0.44 -11.40 18.04
CA LYS A 208 1.83 -11.79 17.75
C LYS A 208 2.65 -10.54 17.48
N PRO A 209 3.95 -10.59 17.67
CA PRO A 209 4.82 -9.46 17.40
C PRO A 209 4.78 -9.08 15.92
N LEU A 210 5.08 -7.80 15.68
CA LEU A 210 5.18 -7.27 14.33
C LEU A 210 6.24 -8.06 13.56
N GLY A 211 5.88 -8.47 12.35
CA GLY A 211 6.83 -9.29 11.59
C GLY A 211 7.71 -8.39 10.67
N GLU A 212 8.45 -9.13 9.84
CA GLU A 212 9.37 -8.47 8.90
C GLU A 212 8.96 -8.92 7.50
N LEU A 213 8.84 -7.96 6.58
CA LEU A 213 8.38 -8.28 5.26
C LEU A 213 9.39 -9.10 4.44
N TRP A 214 8.91 -10.15 3.81
CA TRP A 214 9.68 -10.93 2.84
C TRP A 214 10.95 -11.53 3.40
N LYS A 215 10.92 -11.81 4.70
CA LYS A 215 12.01 -12.52 5.37
C LYS A 215 11.50 -13.29 6.59
#